data_8Z2J
#
_entry.id   8Z2J
#
_cell.length_a   41.560
_cell.length_b   78.840
_cell.length_c   74.250
_cell.angle_alpha   90.000
_cell.angle_beta   106.122
_cell.angle_gamma   90.000
#
_symmetry.space_group_name_H-M   'P 1 21 1'
#
loop_
_entity.id
_entity.type
_entity.pdbx_description
1 polymer 'Alpha/beta hydrolase family protein'
2 non-polymer (4S)-2-METHYL-2,4-PENTANEDIOL
3 non-polymer '(4-methoxycarbonylphenyl)-(2-phenylmethoxyethoxy)phosphinic acid'
4 non-polymer 'CALCIUM ION'
5 non-polymer 'CHLORIDE ION'
6 non-polymer 'ACETATE ION'
7 water water
#
_entity_poly.entity_id   1
_entity_poly.type   'polypeptide(L)'
_entity_poly.pdbx_seq_one_letter_code
;GPNPYERGPDPTEDSIEAIRGPFSVATERVSSFASGFGGGTIYYPRETDEGTFGAVAVAPGFTASQGSMSWYGERVASHG
FIVFTIDTNTRLDAPGQRGRQLLAALDYLVERSDRKVRERLDPNRLAVMGHAMGGGGSLEATVMRPSLKASIPLTPWHLD
KTWGQVQVPTFIIGAELDTIAPVSTHAKPFYESLPSSLPKAYMELCGATHFAPNIPNTTIAKYVISWLKRFVDEDTRYSQ
FLCPNPTDRAICEYRSTCPY
;
_entity_poly.pdbx_strand_id   A,B
#
# COMPACT_ATOMS: atom_id res chain seq x y z
N PRO A 2 -37.24 -12.70 -5.36
CA PRO A 2 -37.39 -13.24 -6.71
C PRO A 2 -36.30 -12.82 -7.71
N ASN A 3 -35.57 -11.74 -7.44
CA ASN A 3 -34.54 -11.23 -8.37
C ASN A 3 -33.64 -12.37 -8.85
N PRO A 4 -33.65 -12.67 -10.15
CA PRO A 4 -32.86 -13.81 -10.65
C PRO A 4 -31.34 -13.64 -10.50
N TYR A 5 -30.85 -12.44 -10.25
CA TYR A 5 -29.41 -12.18 -10.13
C TYR A 5 -28.92 -12.15 -8.69
N GLU A 6 -29.79 -12.39 -7.70
CA GLU A 6 -29.35 -12.40 -6.31
C GLU A 6 -28.48 -13.62 -6.04
N ARG A 7 -27.30 -13.39 -5.50
CA ARG A 7 -26.38 -14.46 -5.11
C ARG A 7 -26.01 -14.27 -3.65
N GLY A 8 -25.99 -15.37 -2.90
CA GLY A 8 -25.49 -15.34 -1.53
C GLY A 8 -26.55 -14.99 -0.50
N PRO A 9 -26.22 -15.20 0.77
CA PRO A 9 -27.17 -14.89 1.84
C PRO A 9 -27.36 -13.40 2.02
N ASP A 10 -28.39 -13.04 2.77
CA ASP A 10 -28.68 -11.63 3.03
C ASP A 10 -27.50 -10.96 3.73
N PRO A 11 -27.06 -9.79 3.26
CA PRO A 11 -25.81 -9.21 3.77
C PRO A 11 -25.96 -8.52 5.11
N THR A 12 -24.83 -8.43 5.80
CA THR A 12 -24.72 -7.69 7.05
C THR A 12 -23.50 -6.80 6.96
N GLU A 13 -23.37 -5.88 7.92
CA GLU A 13 -22.13 -5.10 8.02
C GLU A 13 -20.92 -6.01 8.13
N ASP A 14 -21.08 -7.13 8.82
CA ASP A 14 -19.95 -8.06 8.98
C ASP A 14 -19.63 -8.77 7.66
N SER A 15 -20.64 -9.12 6.87
CA SER A 15 -20.36 -9.91 5.69
C SER A 15 -19.73 -9.06 4.59
N ILE A 16 -20.10 -7.78 4.50
CA ILE A 16 -19.49 -6.95 3.47
C ILE A 16 -18.10 -6.48 3.88
N GLU A 17 -17.75 -6.52 5.16
CA GLU A 17 -16.39 -6.19 5.56
C GLU A 17 -15.47 -7.40 5.54
N ALA A 18 -16.01 -8.61 5.47
CA ALA A 18 -15.21 -9.82 5.57
C ALA A 18 -14.21 -9.92 4.42
N ILE A 19 -13.01 -10.41 4.73
CA ILE A 19 -11.99 -10.55 3.69
C ILE A 19 -12.39 -11.61 2.69
N ARG A 20 -13.27 -12.53 3.05
CA ARG A 20 -13.71 -13.60 2.16
C ARG A 20 -15.22 -13.71 2.22
N GLY A 21 -15.88 -13.54 1.07
CA GLY A 21 -17.29 -13.77 0.94
C GLY A 21 -17.60 -15.25 0.93
N PRO A 22 -18.88 -15.60 0.72
CA PRO A 22 -19.32 -16.99 0.86
C PRO A 22 -18.95 -17.92 -0.30
N PHE A 23 -18.34 -17.42 -1.37
CA PHE A 23 -17.98 -18.25 -2.51
C PHE A 23 -16.49 -18.56 -2.47
N SER A 24 -16.14 -19.80 -2.82
CA SER A 24 -14.75 -20.15 -3.02
C SER A 24 -14.34 -19.70 -4.42
N VAL A 25 -13.06 -19.36 -4.58
CA VAL A 25 -12.57 -18.69 -5.79
C VAL A 25 -11.49 -19.54 -6.44
N ALA A 26 -11.55 -19.64 -7.77
CA ALA A 26 -10.48 -20.21 -8.58
C ALA A 26 -10.00 -19.17 -9.58
N THR A 27 -8.83 -19.40 -10.16
CA THR A 27 -8.19 -18.40 -11.00
C THR A 27 -7.70 -18.99 -12.32
N GLU A 28 -7.41 -18.09 -13.24
CA GLU A 28 -6.94 -18.41 -14.58
C GLU A 28 -6.04 -17.28 -15.04
N ARG A 29 -4.86 -17.59 -15.55
CA ARG A 29 -3.95 -16.57 -16.06
C ARG A 29 -4.14 -16.45 -17.56
N VAL A 30 -4.26 -15.21 -18.04
CA VAL A 30 -4.43 -14.92 -19.47
C VAL A 30 -3.15 -14.26 -19.97
N SER A 31 -2.52 -14.86 -20.97
CA SER A 31 -1.26 -14.37 -21.49
C SER A 31 -1.41 -12.97 -22.08
N SER A 32 -0.31 -12.21 -22.01
CA SER A 32 -0.23 -10.91 -22.68
C SER A 32 -0.30 -11.02 -24.19
N PHE A 33 -0.15 -12.23 -24.75
CA PHE A 33 -0.27 -12.45 -26.19
C PHE A 33 -1.66 -12.11 -26.72
N ALA A 34 -2.67 -12.09 -25.85
CA ALA A 34 -4.04 -11.77 -26.27
C ALA A 34 -4.14 -10.38 -26.87
N SER A 35 -4.96 -10.23 -27.92
CA SER A 35 -5.07 -8.94 -28.59
C SER A 35 -5.97 -7.99 -27.81
N GLY A 36 -5.59 -6.72 -27.81
CA GLY A 36 -6.44 -5.67 -27.27
C GLY A 36 -6.11 -5.24 -25.85
N PHE A 37 -5.27 -5.97 -25.14
CA PHE A 37 -4.86 -5.60 -23.78
C PHE A 37 -3.67 -6.48 -23.40
N GLY A 38 -3.13 -6.27 -22.19
CA GLY A 38 -1.92 -6.98 -21.82
C GLY A 38 -2.11 -8.29 -21.06
N GLY A 39 -3.27 -8.94 -21.17
CA GLY A 39 -3.53 -10.13 -20.40
C GLY A 39 -3.91 -9.79 -18.97
N GLY A 40 -3.96 -10.80 -18.12
CA GLY A 40 -4.32 -10.58 -16.72
C GLY A 40 -4.64 -11.90 -16.02
N THR A 41 -5.36 -11.77 -14.90
CA THR A 41 -5.75 -12.90 -14.08
C THR A 41 -7.26 -12.86 -13.89
N ILE A 42 -7.94 -13.96 -14.18
CA ILE A 42 -9.38 -14.07 -13.97
C ILE A 42 -9.63 -14.74 -12.62
N TYR A 43 -10.46 -14.12 -11.78
CA TYR A 43 -10.92 -14.70 -10.52
C TYR A 43 -12.40 -15.00 -10.63
N TYR A 44 -12.80 -16.27 -10.45
CA TYR A 44 -14.21 -16.58 -10.58
C TYR A 44 -14.73 -17.40 -9.41
N PRO A 45 -16.02 -17.30 -9.11
CA PRO A 45 -16.62 -18.19 -8.10
C PRO A 45 -16.79 -19.60 -8.62
N ARG A 46 -16.45 -20.57 -7.78
CA ARG A 46 -16.47 -21.98 -8.17
C ARG A 46 -17.89 -22.55 -8.18
N GLU A 47 -18.75 -22.15 -7.25
CA GLU A 47 -20.06 -22.75 -7.09
C GLU A 47 -21.05 -22.26 -8.14
N THR A 48 -21.79 -23.20 -8.76
CA THR A 48 -22.66 -22.89 -9.87
C THR A 48 -24.15 -23.08 -9.56
N ASP A 49 -24.52 -23.56 -8.38
CA ASP A 49 -25.91 -23.92 -8.13
C ASP A 49 -26.85 -22.72 -8.04
N GLU A 50 -26.34 -21.51 -7.89
CA GLU A 50 -27.19 -20.32 -7.84
C GLU A 50 -27.29 -19.58 -9.17
N GLY A 51 -26.56 -19.99 -10.20
CA GLY A 51 -26.64 -19.39 -11.52
C GLY A 51 -25.34 -18.71 -11.92
N THR A 52 -25.40 -18.01 -13.06
CA THR A 52 -24.24 -17.31 -13.59
C THR A 52 -24.00 -15.98 -12.85
N PHE A 53 -22.85 -15.37 -13.14
CA PHE A 53 -22.38 -14.18 -12.44
C PHE A 53 -22.04 -13.07 -13.43
N GLY A 54 -22.13 -11.80 -12.95
CA GLY A 54 -21.60 -10.69 -13.70
C GLY A 54 -20.09 -10.61 -13.58
N ALA A 55 -19.48 -9.70 -14.34
CA ALA A 55 -18.02 -9.55 -14.34
C ALA A 55 -17.63 -8.09 -14.23
N VAL A 56 -16.45 -7.85 -13.65
CA VAL A 56 -15.84 -6.52 -13.59
C VAL A 56 -14.39 -6.61 -14.04
N ALA A 57 -14.00 -5.79 -15.02
CA ALA A 57 -12.60 -5.65 -15.41
C ALA A 57 -11.93 -4.54 -14.58
N VAL A 58 -10.68 -4.76 -14.18
CA VAL A 58 -10.01 -3.92 -13.19
C VAL A 58 -8.66 -3.46 -13.74
N ALA A 59 -8.49 -2.09 -13.93
CA ALA A 59 -7.25 -1.58 -14.54
C ALA A 59 -6.33 -0.91 -13.52
N PRO A 60 -5.01 -1.00 -13.70
CA PRO A 60 -4.08 -0.29 -12.81
C PRO A 60 -3.80 1.10 -13.33
N GLY A 61 -2.92 1.86 -12.66
CA GLY A 61 -2.59 3.21 -13.04
C GLY A 61 -1.31 3.30 -13.84
N PHE A 62 -0.90 4.55 -14.10
CA PHE A 62 0.28 4.86 -14.89
C PHE A 62 1.53 4.29 -14.22
N THR A 63 2.38 3.63 -15.02
CA THR A 63 3.61 2.93 -14.65
C THR A 63 3.36 1.66 -13.83
N ALA A 64 2.10 1.32 -13.51
CA ALA A 64 1.79 0.22 -12.62
C ALA A 64 1.30 -1.01 -13.37
N SER A 65 1.24 -2.13 -12.65
CA SER A 65 0.85 -3.43 -13.21
C SER A 65 -0.32 -4.00 -12.40
N GLN A 66 -0.82 -5.16 -12.84
CA GLN A 66 -1.98 -5.76 -12.15
C GLN A 66 -1.67 -6.11 -10.70
N GLY A 67 -0.38 -6.32 -10.37
CA GLY A 67 -0.01 -6.60 -8.99
C GLY A 67 -0.43 -5.50 -8.02
N SER A 68 -0.52 -4.25 -8.48
CA SER A 68 -1.02 -3.20 -7.62
C SER A 68 -2.51 -3.33 -7.31
N MET A 69 -3.23 -4.19 -8.04
CA MET A 69 -4.67 -4.36 -7.86
C MET A 69 -5.05 -5.79 -7.45
N SER A 70 -4.08 -6.66 -7.16
CA SER A 70 -4.39 -8.08 -7.05
C SER A 70 -5.32 -8.38 -5.89
N TRP A 71 -5.31 -7.57 -4.83
CA TRP A 71 -6.13 -7.89 -3.67
C TRP A 71 -7.63 -7.79 -3.93
N TYR A 72 -8.04 -7.04 -4.97
CA TYR A 72 -9.46 -6.97 -5.30
C TYR A 72 -9.98 -8.31 -5.82
N GLY A 73 -9.09 -9.12 -6.41
CA GLY A 73 -9.42 -10.39 -7.02
C GLY A 73 -10.16 -11.36 -6.12
N GLU A 74 -9.47 -11.87 -5.10
CA GLU A 74 -10.13 -12.82 -4.19
C GLU A 74 -11.24 -12.14 -3.39
N ARG A 75 -10.97 -10.93 -2.89
CA ARG A 75 -11.92 -10.25 -2.02
C ARG A 75 -13.26 -10.04 -2.71
N VAL A 76 -13.24 -9.52 -3.94
CA VAL A 76 -14.51 -9.24 -4.62
C VAL A 76 -15.10 -10.52 -5.23
N ALA A 77 -14.27 -11.38 -5.83
CA ALA A 77 -14.83 -12.55 -6.50
C ALA A 77 -15.53 -13.48 -5.50
N SER A 78 -15.03 -13.53 -4.27
CA SER A 78 -15.63 -14.40 -3.25
C SER A 78 -16.99 -13.90 -2.78
N HIS A 79 -17.36 -12.66 -3.10
CA HIS A 79 -18.72 -12.19 -2.87
C HIS A 79 -19.63 -12.42 -4.08
N GLY A 80 -19.13 -13.09 -5.12
CA GLY A 80 -19.98 -13.50 -6.22
C GLY A 80 -19.83 -12.71 -7.51
N PHE A 81 -18.60 -12.59 -8.01
CA PHE A 81 -18.35 -11.91 -9.26
C PHE A 81 -17.16 -12.54 -9.96
N ILE A 82 -17.17 -12.46 -11.30
CA ILE A 82 -15.96 -12.72 -12.06
C ILE A 82 -15.14 -11.43 -12.11
N VAL A 83 -13.89 -11.51 -11.67
CA VAL A 83 -13.02 -10.33 -11.53
C VAL A 83 -11.78 -10.56 -12.38
N PHE A 84 -11.49 -9.60 -13.27
CA PHE A 84 -10.42 -9.70 -14.26
C PHE A 84 -9.45 -8.54 -14.01
N THR A 85 -8.35 -8.80 -13.29
CA THR A 85 -7.33 -7.77 -13.04
C THR A 85 -6.35 -7.77 -14.22
N ILE A 86 -6.31 -6.67 -14.98
CA ILE A 86 -5.62 -6.69 -16.26
C ILE A 86 -4.30 -5.94 -16.18
N ASP A 87 -3.42 -6.24 -17.13
CA ASP A 87 -2.29 -5.42 -17.50
C ASP A 87 -2.64 -4.68 -18.79
N THR A 88 -2.11 -3.47 -18.93
CA THR A 88 -2.31 -2.70 -20.15
C THR A 88 -1.23 -3.07 -21.17
N ASN A 89 -1.40 -2.62 -22.42
CA ASN A 89 -0.44 -2.98 -23.46
C ASN A 89 0.96 -2.49 -23.10
N THR A 90 1.09 -1.24 -22.65
CA THR A 90 2.28 -0.76 -21.98
C THR A 90 1.88 -0.08 -20.67
N ARG A 91 2.82 -0.04 -19.73
CA ARG A 91 2.56 0.65 -18.48
C ARG A 91 2.40 2.15 -18.65
N LEU A 92 2.68 2.69 -19.84
CA LEU A 92 2.57 4.12 -20.08
C LEU A 92 1.30 4.54 -20.82
N ASP A 93 0.34 3.63 -21.02
CA ASP A 93 -0.85 3.96 -21.79
C ASP A 93 -1.68 5.04 -21.09
N ALA A 94 -2.36 5.87 -21.90
CA ALA A 94 -3.17 6.98 -21.43
C ALA A 94 -4.55 6.51 -21.01
N PRO A 95 -5.32 7.36 -20.30
CA PRO A 95 -6.68 6.95 -19.86
C PRO A 95 -7.60 6.46 -20.97
N GLY A 96 -7.66 7.15 -22.12
CA GLY A 96 -8.52 6.67 -23.20
C GLY A 96 -8.09 5.27 -23.68
N GLN A 97 -6.78 5.04 -23.77
CA GLN A 97 -6.29 3.69 -24.07
C GLN A 97 -6.70 2.70 -22.98
N ARG A 98 -6.64 3.11 -21.70
CA ARG A 98 -7.02 2.20 -20.63
C ARG A 98 -8.51 1.86 -20.69
N GLY A 99 -9.35 2.81 -21.06
CA GLY A 99 -10.76 2.51 -21.25
C GLY A 99 -11.01 1.51 -22.36
N ARG A 100 -10.36 1.72 -23.51
CA ARG A 100 -10.47 0.79 -24.64
C ARG A 100 -10.05 -0.63 -24.23
N GLN A 101 -8.99 -0.75 -23.41
CA GLN A 101 -8.49 -2.08 -23.06
C GLN A 101 -9.34 -2.74 -21.97
N LEU A 102 -9.96 -1.96 -21.09
CA LEU A 102 -10.97 -2.53 -20.19
C LEU A 102 -12.08 -3.19 -20.99
N LEU A 103 -12.55 -2.53 -22.05
CA LEU A 103 -13.59 -3.11 -22.87
C LEU A 103 -13.10 -4.34 -23.62
N ALA A 104 -11.83 -4.33 -24.07
CA ALA A 104 -11.28 -5.53 -24.70
C ALA A 104 -11.16 -6.68 -23.72
N ALA A 105 -10.88 -6.39 -22.46
CA ALA A 105 -10.81 -7.45 -21.45
C ALA A 105 -12.18 -8.06 -21.18
N LEU A 106 -13.20 -7.21 -21.05
CA LEU A 106 -14.57 -7.71 -20.94
C LEU A 106 -14.95 -8.53 -22.17
N ASP A 107 -14.59 -8.06 -23.37
CA ASP A 107 -14.93 -8.82 -24.57
C ASP A 107 -14.21 -10.16 -24.63
N TYR A 108 -12.99 -10.24 -24.08
CA TYR A 108 -12.32 -11.52 -23.94
C TYR A 108 -13.16 -12.50 -23.12
N LEU A 109 -13.66 -12.04 -21.98
CA LEU A 109 -14.51 -12.90 -21.14
C LEU A 109 -15.73 -13.40 -21.93
N VAL A 110 -16.37 -12.51 -22.67
CA VAL A 110 -17.61 -12.87 -23.36
C VAL A 110 -17.33 -13.80 -24.53
N GLU A 111 -16.25 -13.55 -25.28
CA GLU A 111 -16.07 -14.09 -26.61
C GLU A 111 -14.96 -15.11 -26.73
N ARG A 112 -13.96 -15.10 -25.85
CA ARG A 112 -12.75 -15.88 -26.04
C ARG A 112 -12.41 -16.82 -24.91
N SER A 113 -12.96 -16.59 -23.71
CA SER A 113 -12.57 -17.36 -22.53
C SER A 113 -12.92 -18.84 -22.70
N ASP A 114 -12.19 -19.68 -21.96
CA ASP A 114 -12.45 -21.10 -22.03
C ASP A 114 -13.71 -21.45 -21.25
N ARG A 115 -14.07 -22.74 -21.30
CA ARG A 115 -15.37 -23.20 -20.84
C ARG A 115 -15.58 -22.95 -19.34
N LYS A 116 -14.53 -23.16 -18.53
CA LYS A 116 -14.62 -22.92 -17.09
C LYS A 116 -15.16 -21.53 -16.79
N VAL A 117 -14.69 -20.52 -17.51
CA VAL A 117 -15.11 -19.14 -17.27
C VAL A 117 -16.40 -18.83 -18.02
N ARG A 118 -16.46 -19.22 -19.29
CA ARG A 118 -17.54 -18.76 -20.14
C ARG A 118 -18.90 -19.25 -19.66
N GLU A 119 -18.95 -20.46 -19.10
CA GLU A 119 -20.23 -21.01 -18.67
C GLU A 119 -20.66 -20.50 -17.28
N ARG A 120 -19.80 -19.76 -16.59
CA ARG A 120 -20.15 -19.12 -15.33
C ARG A 120 -20.54 -17.66 -15.49
N LEU A 121 -20.55 -17.14 -16.71
CA LEU A 121 -20.66 -15.71 -16.98
C LEU A 121 -22.01 -15.36 -17.58
N ASP A 122 -22.64 -14.30 -17.05
CA ASP A 122 -23.77 -13.63 -17.70
C ASP A 122 -23.20 -12.50 -18.55
N PRO A 123 -23.14 -12.65 -19.87
CA PRO A 123 -22.51 -11.61 -20.70
C PRO A 123 -23.28 -10.30 -20.77
N ASN A 124 -24.49 -10.25 -20.22
CA ASN A 124 -25.29 -9.03 -20.22
C ASN A 124 -24.95 -8.09 -19.06
N ARG A 125 -24.14 -8.54 -18.09
CA ARG A 125 -23.98 -7.80 -16.84
C ARG A 125 -22.49 -7.59 -16.56
N LEU A 126 -21.94 -6.51 -17.13
CA LEU A 126 -20.52 -6.21 -17.10
C LEU A 126 -20.28 -4.88 -16.40
N ALA A 127 -19.09 -4.72 -15.86
CA ALA A 127 -18.74 -3.53 -15.08
C ALA A 127 -17.25 -3.25 -15.23
N VAL A 128 -16.85 -2.01 -14.92
CA VAL A 128 -15.46 -1.59 -15.00
C VAL A 128 -15.06 -0.90 -13.69
N MET A 129 -13.77 -1.01 -13.37
CA MET A 129 -13.17 -0.39 -12.18
C MET A 129 -11.70 -0.14 -12.50
N GLY A 130 -11.14 0.91 -11.94
CA GLY A 130 -9.73 1.17 -12.19
C GLY A 130 -9.17 2.24 -11.28
N HIS A 131 -7.85 2.19 -11.13
CA HIS A 131 -7.09 3.05 -10.22
C HIS A 131 -6.32 4.12 -11.01
N ALA A 132 -6.49 5.38 -10.58
CA ALA A 132 -5.66 6.48 -11.06
C ALA A 132 -5.92 6.73 -12.56
N MET A 133 -4.90 6.67 -13.43
CA MET A 133 -5.21 6.73 -14.86
C MET A 133 -6.19 5.65 -15.29
N GLY A 134 -6.15 4.46 -14.66
CA GLY A 134 -7.15 3.45 -14.93
C GLY A 134 -8.53 3.82 -14.42
N GLY A 135 -8.60 4.71 -13.43
CA GLY A 135 -9.88 5.29 -13.04
C GLY A 135 -10.39 6.29 -14.06
N GLY A 136 -9.49 7.09 -14.64
CA GLY A 136 -9.83 7.83 -15.85
C GLY A 136 -10.31 6.90 -16.95
N GLY A 137 -9.70 5.71 -17.07
CA GLY A 137 -10.14 4.75 -18.07
C GLY A 137 -11.53 4.19 -17.78
N SER A 138 -11.86 4.03 -16.50
CA SER A 138 -13.20 3.57 -16.14
C SER A 138 -14.25 4.57 -16.63
N LEU A 139 -14.01 5.87 -16.43
CA LEU A 139 -14.88 6.91 -16.99
C LEU A 139 -14.97 6.80 -18.51
N GLU A 140 -13.80 6.71 -19.17
CA GLU A 140 -13.75 6.58 -20.62
C GLU A 140 -14.55 5.38 -21.13
N ALA A 141 -14.42 4.23 -20.47
CA ALA A 141 -15.10 3.02 -20.91
C ALA A 141 -16.62 3.19 -20.90
N THR A 142 -17.17 3.91 -19.90
CA THR A 142 -18.63 4.04 -19.86
C THR A 142 -19.15 4.95 -20.96
N VAL A 143 -18.35 5.94 -21.38
CA VAL A 143 -18.74 6.75 -22.54
C VAL A 143 -18.70 5.91 -23.81
N MET A 144 -17.67 5.05 -23.94
CA MET A 144 -17.56 4.15 -25.09
C MET A 144 -18.65 3.09 -25.12
N ARG A 145 -19.17 2.68 -23.96
CA ARG A 145 -20.14 1.59 -23.89
C ARG A 145 -21.20 1.85 -22.83
N PRO A 146 -22.25 2.60 -23.19
CA PRO A 146 -23.32 2.93 -22.23
C PRO A 146 -24.08 1.75 -21.65
N SER A 147 -23.92 0.53 -22.18
CA SER A 147 -24.68 -0.59 -21.62
C SER A 147 -24.00 -1.22 -20.41
N LEU A 148 -22.86 -0.72 -19.97
CA LEU A 148 -22.21 -1.27 -18.78
C LEU A 148 -23.09 -1.04 -17.55
N LYS A 149 -23.03 -1.97 -16.59
CA LYS A 149 -23.92 -1.90 -15.43
C LYS A 149 -23.36 -1.01 -14.32
N ALA A 150 -22.05 -0.90 -14.19
CA ALA A 150 -21.47 -0.13 -13.09
C ALA A 150 -20.05 0.31 -13.44
N SER A 151 -19.62 1.39 -12.80
CA SER A 151 -18.28 1.93 -13.00
C SER A 151 -17.75 2.45 -11.68
N ILE A 152 -16.51 2.08 -11.33
CA ILE A 152 -15.91 2.52 -10.06
C ILE A 152 -14.52 3.10 -10.28
N PRO A 153 -14.40 4.42 -10.47
CA PRO A 153 -13.08 5.05 -10.61
C PRO A 153 -12.46 5.30 -9.23
N LEU A 154 -11.28 4.73 -9.00
CA LEU A 154 -10.57 4.79 -7.74
C LEU A 154 -9.43 5.81 -7.85
N THR A 155 -9.44 6.80 -6.95
CA THR A 155 -8.59 7.98 -7.01
C THR A 155 -8.29 8.32 -8.47
N PRO A 156 -9.31 8.66 -9.27
CA PRO A 156 -9.12 8.76 -10.74
C PRO A 156 -8.35 9.99 -11.18
N TRP A 157 -7.60 9.84 -12.27
CA TRP A 157 -6.83 10.91 -12.91
C TRP A 157 -7.25 11.04 -14.38
N HIS A 158 -7.52 12.27 -14.81
CA HIS A 158 -7.93 12.56 -16.18
C HIS A 158 -7.89 14.07 -16.41
N LEU A 159 -7.37 14.48 -17.56
CA LEU A 159 -7.35 15.91 -17.89
C LEU A 159 -8.72 16.44 -18.31
N ASP A 160 -9.63 15.57 -18.77
CA ASP A 160 -10.99 15.99 -19.11
C ASP A 160 -11.84 16.01 -17.85
N LYS A 161 -12.38 17.18 -17.49
CA LYS A 161 -13.07 17.36 -16.21
C LYS A 161 -14.60 17.28 -16.32
N THR A 162 -15.15 17.06 -17.51
CA THR A 162 -16.59 17.07 -17.73
C THR A 162 -17.03 15.68 -18.17
N TRP A 163 -17.98 15.09 -17.45
CA TRP A 163 -18.47 13.75 -17.77
C TRP A 163 -19.99 13.72 -17.79
N GLY A 164 -20.60 14.72 -18.40
CA GLY A 164 -22.05 14.84 -18.41
C GLY A 164 -22.80 13.89 -19.31
N GLN A 165 -22.11 13.06 -20.10
CA GLN A 165 -22.77 12.09 -20.96
C GLN A 165 -22.72 10.67 -20.39
N VAL A 166 -22.15 10.50 -19.20
CA VAL A 166 -22.05 9.18 -18.60
C VAL A 166 -23.46 8.69 -18.23
N GLN A 167 -23.80 7.49 -18.68
CA GLN A 167 -25.09 6.87 -18.38
C GLN A 167 -24.97 5.64 -17.48
N VAL A 168 -23.79 5.33 -16.99
CA VAL A 168 -23.54 4.11 -16.23
C VAL A 168 -23.40 4.49 -14.75
N PRO A 169 -24.13 3.81 -13.82
CA PRO A 169 -24.00 4.15 -12.39
C PRO A 169 -22.55 4.16 -11.93
N THR A 170 -22.10 5.28 -11.36
CA THR A 170 -20.67 5.52 -11.16
C THR A 170 -20.38 5.90 -9.72
N PHE A 171 -19.36 5.26 -9.14
CA PHE A 171 -18.97 5.39 -7.74
C PHE A 171 -17.51 5.84 -7.72
N ILE A 172 -17.27 7.11 -7.43
CA ILE A 172 -15.92 7.66 -7.41
C ILE A 172 -15.41 7.67 -5.98
N ILE A 173 -14.25 7.06 -5.76
CA ILE A 173 -13.61 7.04 -4.46
C ILE A 173 -12.41 7.99 -4.51
N GLY A 174 -12.40 9.00 -3.64
CA GLY A 174 -11.27 9.92 -3.57
C GLY A 174 -10.45 9.75 -2.31
N ALA A 175 -9.20 10.27 -2.32
CA ALA A 175 -8.28 10.19 -1.19
C ALA A 175 -7.95 11.61 -0.74
N GLU A 176 -8.26 11.93 0.52
CA GLU A 176 -8.29 13.33 0.96
C GLU A 176 -6.97 14.05 0.70
N LEU A 177 -5.84 13.41 1.00
CA LEU A 177 -4.53 14.02 0.85
C LEU A 177 -3.80 13.59 -0.42
N ASP A 178 -4.53 13.12 -1.45
CA ASP A 178 -3.93 12.78 -2.74
C ASP A 178 -3.23 14.00 -3.36
N THR A 179 -1.94 13.86 -3.67
CA THR A 179 -1.20 14.92 -4.37
C THR A 179 -0.97 14.60 -5.84
N ILE A 180 -1.27 13.38 -6.28
CA ILE A 180 -1.04 13.02 -7.68
C ILE A 180 -2.30 13.23 -8.52
N ALA A 181 -3.46 12.86 -7.98
CA ALA A 181 -4.75 13.20 -8.56
C ALA A 181 -5.61 13.83 -7.47
N PRO A 182 -5.33 15.08 -7.12
CA PRO A 182 -6.02 15.71 -5.98
C PRO A 182 -7.54 15.72 -6.19
N VAL A 183 -8.28 15.45 -5.12
CA VAL A 183 -9.74 15.37 -5.22
C VAL A 183 -10.32 16.72 -5.65
N SER A 184 -9.64 17.82 -5.35
CA SER A 184 -10.21 19.12 -5.72
C SER A 184 -10.12 19.36 -7.22
N THR A 185 -9.23 18.68 -7.92
CA THR A 185 -9.06 18.91 -9.34
C THR A 185 -9.37 17.69 -10.21
N HIS A 186 -9.51 16.49 -9.62
CA HIS A 186 -9.94 15.33 -10.40
C HIS A 186 -11.27 14.75 -9.88
N ALA A 187 -11.22 13.96 -8.80
CA ALA A 187 -12.40 13.19 -8.36
C ALA A 187 -13.66 14.06 -8.20
N LYS A 188 -13.55 15.20 -7.52
CA LYS A 188 -14.76 15.97 -7.23
C LYS A 188 -15.34 16.63 -8.48
N PRO A 189 -14.57 17.33 -9.33
CA PRO A 189 -15.15 17.84 -10.58
C PRO A 189 -15.73 16.74 -11.45
N PHE A 190 -15.07 15.57 -11.51
CA PHE A 190 -15.67 14.44 -12.20
C PHE A 190 -17.07 14.14 -11.65
N TYR A 191 -17.17 13.97 -10.33
CA TYR A 191 -18.44 13.58 -9.73
C TYR A 191 -19.53 14.64 -9.97
N GLU A 192 -19.18 15.90 -9.74
CA GLU A 192 -20.12 17.00 -9.93
C GLU A 192 -20.55 17.15 -11.38
N SER A 193 -19.75 16.71 -12.34
CA SER A 193 -20.15 16.88 -13.73
C SER A 193 -21.01 15.73 -14.22
N LEU A 194 -21.03 14.59 -13.51
CA LEU A 194 -21.92 13.49 -13.87
C LEU A 194 -23.37 13.96 -13.83
N PRO A 195 -24.24 13.40 -14.67
CA PRO A 195 -25.65 13.80 -14.67
C PRO A 195 -26.25 13.72 -13.27
N SER A 196 -27.08 14.70 -12.91
CA SER A 196 -27.71 14.65 -11.60
C SER A 196 -28.80 13.59 -11.53
N SER A 197 -29.26 13.09 -12.67
CA SER A 197 -30.24 12.00 -12.72
C SER A 197 -29.59 10.62 -12.70
N LEU A 198 -28.28 10.57 -12.69
CA LEU A 198 -27.58 9.29 -12.65
C LEU A 198 -27.45 8.79 -11.22
N PRO A 199 -27.66 7.50 -10.97
CA PRO A 199 -27.26 6.92 -9.68
C PRO A 199 -25.75 7.00 -9.56
N LYS A 200 -25.28 7.76 -8.57
CA LYS A 200 -23.85 8.01 -8.46
C LYS A 200 -23.51 8.27 -7.01
N ALA A 201 -22.21 8.14 -6.69
CA ALA A 201 -21.74 8.42 -5.35
C ALA A 201 -20.29 8.87 -5.40
N TYR A 202 -19.88 9.57 -4.33
CA TYR A 202 -18.51 10.01 -4.12
C TYR A 202 -18.16 9.78 -2.67
N MET A 203 -17.08 9.03 -2.41
CA MET A 203 -16.59 8.75 -1.06
C MET A 203 -15.15 9.22 -0.93
N GLU A 204 -14.88 10.07 0.04
CA GLU A 204 -13.54 10.60 0.29
C GLU A 204 -12.99 9.99 1.58
N LEU A 205 -11.80 9.41 1.50
CA LEU A 205 -11.20 8.70 2.62
C LEU A 205 -10.29 9.65 3.40
N CYS A 206 -10.57 9.80 4.69
CA CYS A 206 -9.79 10.66 5.59
C CYS A 206 -8.30 10.32 5.53
N GLY A 207 -7.47 11.35 5.38
CA GLY A 207 -6.04 11.20 5.47
C GLY A 207 -5.38 10.31 4.43
N ALA A 208 -6.12 9.81 3.44
CA ALA A 208 -5.59 8.85 2.50
C ALA A 208 -4.76 9.50 1.39
N THR A 209 -3.88 8.69 0.81
CA THR A 209 -3.01 9.08 -0.28
C THR A 209 -3.44 8.40 -1.57
N HIS A 210 -2.71 8.73 -2.64
CA HIS A 210 -3.01 8.23 -3.97
C HIS A 210 -2.91 6.70 -4.06
N PHE A 211 -2.09 6.07 -3.22
CA PHE A 211 -1.89 4.63 -3.28
C PHE A 211 -2.69 3.86 -2.23
N ALA A 212 -3.58 4.54 -1.52
CA ALA A 212 -4.52 3.81 -0.64
C ALA A 212 -5.26 2.68 -1.34
N PRO A 213 -5.73 2.82 -2.59
CA PRO A 213 -6.42 1.68 -3.23
C PRO A 213 -5.55 0.46 -3.50
N ASN A 214 -4.23 0.57 -3.37
CA ASN A 214 -3.34 -0.54 -3.72
C ASN A 214 -2.99 -1.43 -2.53
N ILE A 215 -3.54 -1.17 -1.34
CA ILE A 215 -3.40 -2.14 -0.25
C ILE A 215 -4.79 -2.44 0.28
N PRO A 216 -5.01 -3.62 0.85
CA PRO A 216 -6.33 -3.95 1.41
C PRO A 216 -6.87 -2.86 2.31
N ASN A 217 -8.12 -2.48 2.06
CA ASN A 217 -8.78 -1.36 2.70
C ASN A 217 -10.24 -1.77 2.88
N THR A 218 -10.67 -1.97 4.13
CA THR A 218 -12.03 -2.45 4.37
C THR A 218 -13.08 -1.46 3.89
N THR A 219 -12.79 -0.16 4.02
CA THR A 219 -13.78 0.85 3.64
C THR A 219 -14.03 0.82 2.14
N ILE A 220 -12.95 0.76 1.35
CA ILE A 220 -13.07 0.57 -0.10
C ILE A 220 -13.82 -0.72 -0.40
N ALA A 221 -13.38 -1.84 0.19
CA ALA A 221 -13.95 -3.14 -0.16
C ALA A 221 -15.45 -3.19 0.10
N LYS A 222 -15.89 -2.72 1.28
CA LYS A 222 -17.29 -2.92 1.63
C LYS A 222 -18.22 -2.18 0.67
N TYR A 223 -17.85 -0.98 0.23
CA TYR A 223 -18.73 -0.23 -0.64
C TYR A 223 -18.48 -0.51 -2.11
N VAL A 224 -17.29 -0.96 -2.49
CA VAL A 224 -17.11 -1.52 -3.83
C VAL A 224 -18.03 -2.74 -4.02
N ILE A 225 -18.02 -3.66 -3.05
CA ILE A 225 -18.90 -4.83 -3.11
C ILE A 225 -20.37 -4.40 -3.16
N SER A 226 -20.75 -3.43 -2.31
CA SER A 226 -22.16 -3.02 -2.28
C SER A 226 -22.59 -2.40 -3.61
N TRP A 227 -21.70 -1.60 -4.23
CA TRP A 227 -22.03 -0.95 -5.50
C TRP A 227 -22.19 -1.97 -6.63
N LEU A 228 -21.26 -2.94 -6.71
CA LEU A 228 -21.39 -3.96 -7.74
C LEU A 228 -22.63 -4.81 -7.51
N LYS A 229 -22.90 -5.19 -6.26
CA LYS A 229 -24.11 -5.92 -5.96
C LYS A 229 -25.35 -5.15 -6.40
N ARG A 230 -25.45 -3.88 -6.00
CA ARG A 230 -26.66 -3.11 -6.31
C ARG A 230 -26.87 -2.96 -7.81
N PHE A 231 -25.80 -2.74 -8.58
CA PHE A 231 -26.02 -2.37 -9.96
C PHE A 231 -25.67 -3.46 -10.98
N VAL A 232 -24.69 -4.31 -10.71
CA VAL A 232 -24.45 -5.44 -11.58
C VAL A 232 -25.51 -6.52 -11.37
N ASP A 233 -25.90 -6.77 -10.12
CA ASP A 233 -26.89 -7.79 -9.80
C ASP A 233 -28.30 -7.23 -9.61
N GLU A 234 -28.48 -5.91 -9.71
CA GLU A 234 -29.76 -5.27 -9.40
C GLU A 234 -30.25 -5.66 -8.00
N ASP A 235 -29.31 -5.84 -7.08
CA ASP A 235 -29.61 -6.44 -5.78
C ASP A 235 -29.90 -5.35 -4.76
N THR A 236 -31.19 -5.10 -4.50
CA THR A 236 -31.58 -4.03 -3.59
C THR A 236 -31.39 -4.39 -2.12
N ARG A 237 -31.00 -5.62 -1.80
CA ARG A 237 -30.61 -5.92 -0.43
C ARG A 237 -29.42 -5.08 0.02
N TYR A 238 -28.63 -4.57 -0.93
CA TYR A 238 -27.44 -3.78 -0.64
C TYR A 238 -27.69 -2.28 -0.65
N SER A 239 -28.92 -1.85 -0.98
CA SER A 239 -29.26 -0.44 -0.86
C SER A 239 -29.15 0.06 0.57
N GLN A 240 -29.31 -0.82 1.56
CA GLN A 240 -29.25 -0.39 2.96
C GLN A 240 -27.89 0.18 3.33
N PHE A 241 -26.82 -0.28 2.69
CA PHE A 241 -25.48 0.20 2.99
C PHE A 241 -25.09 1.44 2.20
N LEU A 242 -25.80 1.72 1.11
CA LEU A 242 -25.48 2.83 0.23
C LEU A 242 -26.31 4.08 0.51
N CYS A 243 -27.52 3.91 1.04
CA CYS A 243 -28.47 5.01 1.24
C CYS A 243 -29.19 4.78 2.57
N PRO A 244 -29.25 5.80 3.46
CA PRO A 244 -28.57 7.09 3.31
C PRO A 244 -27.04 6.96 3.27
N ASN A 245 -26.38 8.07 3.00
CA ASN A 245 -24.93 8.08 2.82
C ASN A 245 -24.24 7.41 4.02
N PRO A 246 -23.25 6.56 3.77
CA PRO A 246 -22.45 5.99 4.86
C PRO A 246 -21.79 7.03 5.75
N THR A 247 -21.56 6.65 7.01
CA THR A 247 -20.94 7.53 8.00
C THR A 247 -19.69 6.93 8.65
N ASP A 248 -19.10 5.87 8.08
CA ASP A 248 -17.89 5.23 8.62
C ASP A 248 -16.85 6.27 9.06
N ARG A 249 -16.16 5.99 10.16
CA ARG A 249 -15.14 6.91 10.64
C ARG A 249 -14.08 7.22 9.58
N ALA A 250 -13.74 6.25 8.72
CA ALA A 250 -12.72 6.46 7.70
C ALA A 250 -13.15 7.39 6.58
N ILE A 251 -14.42 7.81 6.55
CA ILE A 251 -14.96 8.64 5.48
C ILE A 251 -14.97 10.09 5.95
N CYS A 252 -14.43 11.00 5.13
CA CYS A 252 -14.41 12.42 5.46
C CYS A 252 -15.38 13.26 4.64
N GLU A 253 -15.86 12.76 3.51
CA GLU A 253 -16.97 13.37 2.80
C GLU A 253 -17.65 12.28 1.97
N TYR A 254 -18.98 12.37 1.86
CA TYR A 254 -19.74 11.47 1.00
C TYR A 254 -20.84 12.26 0.31
N ARG A 255 -20.99 12.06 -1.00
CA ARG A 255 -22.06 12.67 -1.79
C ARG A 255 -22.76 11.57 -2.57
N SER A 256 -24.07 11.73 -2.82
CA SER A 256 -24.81 10.72 -3.58
C SER A 256 -26.09 11.32 -4.14
N THR A 257 -26.66 10.60 -5.10
CA THR A 257 -28.03 10.84 -5.57
C THR A 257 -29.02 9.85 -4.96
N CYS A 258 -28.80 9.45 -3.71
CA CYS A 258 -29.76 8.62 -2.99
C CYS A 258 -31.13 9.32 -2.96
N PRO A 259 -32.24 8.55 -2.84
CA PRO A 259 -32.28 7.09 -2.69
C PRO A 259 -32.18 6.31 -3.99
N TYR A 260 -31.45 5.19 -3.97
CA TYR A 260 -31.56 4.17 -5.01
C TYR A 260 -31.34 2.79 -4.40
N PRO B 2 29.79 21.26 16.74
CA PRO B 2 30.96 20.39 16.87
C PRO B 2 30.71 18.91 16.55
N ASN B 3 29.45 18.46 16.56
CA ASN B 3 29.17 17.05 16.30
C ASN B 3 29.66 16.68 14.90
N PRO B 4 30.65 15.78 14.78
CA PRO B 4 31.23 15.51 13.46
C PRO B 4 30.33 14.74 12.51
N TYR B 5 29.24 14.15 12.99
CA TYR B 5 28.36 13.37 12.14
C TYR B 5 27.16 14.16 11.60
N GLU B 6 27.05 15.46 11.91
CA GLU B 6 25.94 16.26 11.37
C GLU B 6 26.10 16.43 9.86
N ARG B 7 25.01 16.19 9.13
CA ARG B 7 24.93 16.37 7.69
C ARG B 7 23.66 17.15 7.34
N GLY B 8 23.74 18.03 6.35
CA GLY B 8 22.58 18.74 5.87
C GLY B 8 22.21 19.93 6.74
N PRO B 9 21.32 20.80 6.23
CA PRO B 9 21.01 22.04 6.96
C PRO B 9 20.11 21.77 8.15
N ASP B 10 20.02 22.78 9.02
CA ASP B 10 19.20 22.68 10.22
C ASP B 10 17.76 22.36 9.84
N PRO B 11 17.11 21.40 10.49
CA PRO B 11 15.82 20.90 10.03
C PRO B 11 14.62 21.70 10.55
N THR B 12 13.51 21.53 9.83
CA THR B 12 12.19 22.01 10.23
C THR B 12 11.19 20.88 10.02
N GLU B 13 9.97 21.09 10.53
CA GLU B 13 8.90 20.13 10.25
C GLU B 13 8.73 19.91 8.75
N ASP B 14 8.80 20.99 7.96
CA ASP B 14 8.62 20.87 6.52
C ASP B 14 9.72 20.02 5.89
N SER B 15 10.96 20.13 6.37
CA SER B 15 12.05 19.48 5.65
C SER B 15 12.06 17.97 5.87
N ILE B 16 11.66 17.53 7.06
CA ILE B 16 11.58 16.08 7.30
C ILE B 16 10.36 15.47 6.66
N GLU B 17 9.40 16.28 6.23
CA GLU B 17 8.24 15.79 5.47
C GLU B 17 8.48 15.74 3.97
N ALA B 18 9.47 16.48 3.47
CA ALA B 18 9.69 16.58 2.04
C ALA B 18 10.06 15.23 1.46
N ILE B 19 9.59 14.97 0.24
CA ILE B 19 9.86 13.69 -0.42
C ILE B 19 11.35 13.55 -0.71
N ARG B 20 12.00 14.64 -1.11
CA ARG B 20 13.42 14.65 -1.42
C ARG B 20 14.15 15.52 -0.41
N GLY B 21 15.07 14.91 0.34
CA GLY B 21 15.95 15.66 1.21
C GLY B 21 17.02 16.42 0.43
N PRO B 22 18.00 16.97 1.15
CA PRO B 22 18.99 17.85 0.49
C PRO B 22 20.03 17.11 -0.36
N PHE B 23 20.11 15.79 -0.30
CA PHE B 23 21.14 15.06 -1.02
C PHE B 23 20.56 14.39 -2.26
N SER B 24 21.34 14.34 -3.33
CA SER B 24 20.95 13.56 -4.50
C SER B 24 21.44 12.13 -4.32
N VAL B 25 20.76 11.20 -4.99
CA VAL B 25 20.83 9.78 -4.64
C VAL B 25 21.20 8.94 -5.86
N ALA B 26 22.21 8.09 -5.69
CA ALA B 26 22.52 7.05 -6.67
C ALA B 26 22.17 5.68 -6.10
N THR B 27 22.13 4.67 -6.96
CA THR B 27 21.80 3.32 -6.52
C THR B 27 22.80 2.31 -7.06
N GLU B 28 22.89 1.18 -6.35
CA GLU B 28 23.68 0.01 -6.75
C GLU B 28 22.86 -1.24 -6.53
N ARG B 29 22.82 -2.11 -7.53
CA ARG B 29 22.11 -3.39 -7.42
C ARG B 29 23.07 -4.45 -6.88
N VAL B 30 22.58 -5.29 -5.96
CA VAL B 30 23.37 -6.38 -5.39
C VAL B 30 22.71 -7.71 -5.75
N SER B 31 23.48 -8.61 -6.38
CA SER B 31 22.93 -9.86 -6.88
C SER B 31 22.51 -10.79 -5.73
N SER B 32 21.47 -11.59 -5.99
CA SER B 32 21.03 -12.57 -5.00
C SER B 32 22.14 -13.57 -4.65
N PHE B 33 23.18 -13.68 -5.48
CA PHE B 33 24.29 -14.57 -5.17
C PHE B 33 25.15 -14.08 -4.02
N ALA B 34 24.88 -12.89 -3.48
CA ALA B 34 25.61 -12.44 -2.31
C ALA B 34 25.43 -13.42 -1.16
N SER B 35 26.46 -13.56 -0.34
CA SER B 35 26.47 -14.55 0.73
C SER B 35 25.63 -14.07 1.92
N GLY B 36 24.73 -14.95 2.39
CA GLY B 36 24.05 -14.74 3.64
C GLY B 36 22.72 -13.99 3.60
N PHE B 37 22.34 -13.45 2.43
CA PHE B 37 21.03 -12.85 2.22
C PHE B 37 20.72 -12.92 0.73
N GLY B 38 19.56 -12.41 0.33
CA GLY B 38 19.15 -12.55 -1.06
C GLY B 38 19.35 -11.36 -1.99
N GLY B 39 20.40 -10.57 -1.77
CA GLY B 39 20.64 -9.40 -2.59
C GLY B 39 19.77 -8.22 -2.20
N GLY B 40 19.81 -7.18 -3.03
CA GLY B 40 18.98 -6.01 -2.77
C GLY B 40 19.45 -4.81 -3.57
N THR B 41 19.05 -3.64 -3.10
CA THR B 41 19.35 -2.36 -3.74
C THR B 41 19.92 -1.40 -2.70
N ILE B 42 21.06 -0.79 -3.03
CA ILE B 42 21.70 0.19 -2.18
C ILE B 42 21.36 1.58 -2.73
N TYR B 43 20.80 2.43 -1.88
CA TYR B 43 20.57 3.84 -2.16
C TYR B 43 21.56 4.65 -1.34
N TYR B 44 22.33 5.51 -1.99
CA TYR B 44 23.31 6.28 -1.26
C TYR B 44 23.35 7.73 -1.72
N PRO B 45 23.78 8.64 -0.86
CA PRO B 45 23.93 10.05 -1.27
C PRO B 45 25.20 10.25 -2.07
N ARG B 46 25.09 11.08 -3.12
CA ARG B 46 26.21 11.29 -4.03
C ARG B 46 27.25 12.26 -3.47
N GLU B 47 26.82 13.27 -2.71
CA GLU B 47 27.73 14.31 -2.26
C GLU B 47 28.66 13.81 -1.16
N THR B 48 29.96 14.12 -1.29
CA THR B 48 30.99 13.70 -0.35
C THR B 48 31.56 14.86 0.46
N ASP B 49 31.16 16.11 0.19
CA ASP B 49 31.82 17.26 0.77
C ASP B 49 31.54 17.46 2.26
N GLU B 50 30.65 16.68 2.87
CA GLU B 50 30.34 16.83 4.27
C GLU B 50 30.81 15.65 5.11
N GLY B 51 31.33 14.59 4.50
CA GLY B 51 31.81 13.44 5.23
C GLY B 51 31.00 12.19 4.92
N THR B 52 31.43 11.09 5.54
CA THR B 52 30.78 9.80 5.36
C THR B 52 29.47 9.74 6.13
N PHE B 53 28.65 8.74 5.78
CA PHE B 53 27.28 8.58 6.26
C PHE B 53 27.11 7.25 6.97
N GLY B 54 26.15 7.20 7.89
CA GLY B 54 25.70 5.94 8.44
C GLY B 54 24.82 5.20 7.44
N ALA B 55 24.43 3.98 7.83
CA ALA B 55 23.68 3.12 6.93
C ALA B 55 22.59 2.40 7.70
N VAL B 56 21.53 2.00 6.99
CA VAL B 56 20.44 1.23 7.57
C VAL B 56 20.06 0.14 6.58
N ALA B 57 19.97 -1.11 7.06
CA ALA B 57 19.48 -2.22 6.27
C ALA B 57 17.99 -2.42 6.57
N VAL B 58 17.21 -2.77 5.54
CA VAL B 58 15.74 -2.73 5.60
C VAL B 58 15.18 -4.07 5.12
N ALA B 59 14.45 -4.77 6.00
CA ALA B 59 13.95 -6.10 5.62
C ALA B 59 12.45 -6.10 5.34
N PRO B 60 11.99 -6.94 4.39
CA PRO B 60 10.55 -7.07 4.14
C PRO B 60 9.89 -8.08 5.06
N GLY B 61 8.58 -8.33 4.86
CA GLY B 61 7.84 -9.28 5.65
C GLY B 61 7.67 -10.62 4.94
N PHE B 62 6.99 -11.53 5.66
CA PHE B 62 6.70 -12.89 5.17
C PHE B 62 5.99 -12.84 3.82
N THR B 63 6.46 -13.68 2.90
CA THR B 63 6.06 -13.80 1.50
C THR B 63 6.47 -12.61 0.64
N ALA B 64 7.08 -11.58 1.21
CA ALA B 64 7.27 -10.33 0.48
C ALA B 64 8.71 -10.16 0.01
N SER B 65 8.91 -9.20 -0.89
CA SER B 65 10.22 -8.91 -1.44
C SER B 65 10.54 -7.42 -1.23
N GLN B 66 11.76 -7.03 -1.63
CA GLN B 66 12.22 -5.66 -1.44
C GLN B 66 11.32 -4.64 -2.12
N GLY B 67 10.54 -5.04 -3.12
CA GLY B 67 9.63 -4.11 -3.76
C GLY B 67 8.58 -3.55 -2.83
N SER B 68 8.18 -4.32 -1.80
CA SER B 68 7.25 -3.83 -0.79
C SER B 68 7.85 -2.72 0.06
N MET B 69 9.18 -2.57 0.05
CA MET B 69 9.88 -1.55 0.83
C MET B 69 10.61 -0.51 -0.01
N SER B 70 10.44 -0.52 -1.35
CA SER B 70 11.33 0.26 -2.20
C SER B 70 11.20 1.77 -1.96
N TRP B 71 10.03 2.24 -1.52
CA TRP B 71 9.84 3.70 -1.39
C TRP B 71 10.73 4.30 -0.32
N TYR B 72 11.19 3.50 0.66
CA TYR B 72 12.09 4.03 1.69
C TYR B 72 13.45 4.41 1.11
N GLY B 73 13.89 3.76 0.02
CA GLY B 73 15.23 3.95 -0.48
C GLY B 73 15.59 5.37 -0.82
N GLU B 74 14.95 5.96 -1.84
CA GLU B 74 15.26 7.33 -2.22
C GLU B 74 14.92 8.31 -1.11
N ARG B 75 13.79 8.11 -0.45
CA ARG B 75 13.29 9.11 0.49
C ARG B 75 14.23 9.27 1.68
N VAL B 76 14.61 8.16 2.31
CA VAL B 76 15.49 8.23 3.47
C VAL B 76 16.93 8.54 3.04
N ALA B 77 17.40 7.94 1.94
CA ALA B 77 18.77 8.19 1.51
C ALA B 77 18.99 9.67 1.19
N SER B 78 18.01 10.32 0.58
CA SER B 78 18.18 11.73 0.25
C SER B 78 18.33 12.62 1.47
N HIS B 79 18.05 12.11 2.68
CA HIS B 79 18.25 12.88 3.90
C HIS B 79 19.59 12.58 4.59
N GLY B 80 20.45 11.81 3.95
CA GLY B 80 21.81 11.63 4.44
C GLY B 80 22.09 10.27 5.03
N PHE B 81 21.61 9.21 4.38
CA PHE B 81 21.90 7.85 4.83
C PHE B 81 22.13 6.93 3.64
N ILE B 82 22.88 5.86 3.88
CA ILE B 82 22.96 4.76 2.93
C ILE B 82 21.88 3.76 3.30
N VAL B 83 21.02 3.42 2.34
CA VAL B 83 19.81 2.62 2.60
C VAL B 83 19.86 1.36 1.74
N PHE B 84 19.86 0.20 2.39
CA PHE B 84 19.95 -1.11 1.73
C PHE B 84 18.61 -1.85 1.89
N THR B 85 17.81 -1.90 0.83
CA THR B 85 16.58 -2.68 0.86
C THR B 85 16.89 -4.09 0.35
N ILE B 86 16.73 -5.09 1.21
CA ILE B 86 17.22 -6.42 0.89
C ILE B 86 16.06 -7.36 0.56
N ASP B 87 16.40 -8.43 -0.15
CA ASP B 87 15.59 -9.62 -0.22
C ASP B 87 16.19 -10.66 0.73
N THR B 88 15.32 -11.47 1.33
CA THR B 88 15.74 -12.55 2.21
C THR B 88 16.06 -13.80 1.40
N ASN B 89 16.69 -14.78 2.06
CA ASN B 89 17.15 -15.96 1.35
C ASN B 89 15.98 -16.69 0.69
N THR B 90 14.87 -16.85 1.41
CA THR B 90 13.61 -17.22 0.78
C THR B 90 12.52 -16.32 1.36
N ARG B 91 11.40 -16.25 0.65
CA ARG B 91 10.29 -15.42 1.10
C ARG B 91 9.60 -15.98 2.34
N LEU B 92 9.95 -17.20 2.74
CA LEU B 92 9.31 -17.86 3.87
C LEU B 92 10.19 -17.86 5.11
N ASP B 93 11.30 -17.11 5.10
CA ASP B 93 12.21 -17.11 6.24
C ASP B 93 11.50 -16.55 7.48
N ALA B 94 11.95 -17.02 8.65
CA ALA B 94 11.40 -16.67 9.96
C ALA B 94 12.04 -15.39 10.50
N PRO B 95 11.46 -14.78 11.54
CA PRO B 95 12.04 -13.51 12.05
C PRO B 95 13.50 -13.63 12.49
N GLY B 96 13.89 -14.74 13.13
CA GLY B 96 15.28 -14.84 13.57
C GLY B 96 16.24 -14.97 12.39
N GLN B 97 15.81 -15.67 11.34
CA GLN B 97 16.57 -15.66 10.09
C GLN B 97 16.67 -14.26 9.49
N ARG B 98 15.54 -13.54 9.44
CA ARG B 98 15.58 -12.18 8.90
C ARG B 98 16.55 -11.28 9.66
N GLY B 99 16.70 -11.50 10.97
CA GLY B 99 17.68 -10.73 11.73
C GLY B 99 19.12 -11.06 11.36
N ARG B 100 19.43 -12.36 11.20
CA ARG B 100 20.78 -12.72 10.75
C ARG B 100 21.08 -12.12 9.38
N GLN B 101 20.07 -12.11 8.50
CA GLN B 101 20.29 -11.63 7.14
C GLN B 101 20.42 -10.12 7.08
N LEU B 102 19.76 -9.39 7.98
CA LEU B 102 20.03 -7.95 8.07
C LEU B 102 21.49 -7.69 8.43
N LEU B 103 22.04 -8.49 9.35
CA LEU B 103 23.43 -8.33 9.75
C LEU B 103 24.37 -8.77 8.64
N ALA B 104 24.00 -9.84 7.91
CA ALA B 104 24.80 -10.23 6.75
C ALA B 104 24.85 -9.12 5.72
N ALA B 105 23.71 -8.42 5.52
CA ALA B 105 23.67 -7.34 4.54
C ALA B 105 24.51 -6.17 4.97
N LEU B 106 24.50 -5.84 6.26
CA LEU B 106 25.33 -4.74 6.74
C LEU B 106 26.81 -5.08 6.61
N ASP B 107 27.18 -6.31 6.94
CA ASP B 107 28.57 -6.73 6.77
C ASP B 107 28.98 -6.74 5.29
N TYR B 108 28.07 -7.09 4.39
CA TYR B 108 28.35 -6.93 2.97
C TYR B 108 28.69 -5.49 2.65
N LEU B 109 27.84 -4.55 3.09
CA LEU B 109 28.08 -3.13 2.85
C LEU B 109 29.48 -2.70 3.27
N VAL B 110 29.92 -3.16 4.45
CA VAL B 110 31.21 -2.72 4.99
C VAL B 110 32.37 -3.34 4.21
N GLU B 111 32.25 -4.62 3.87
CA GLU B 111 33.38 -5.42 3.43
C GLU B 111 33.46 -5.61 1.91
N ARG B 112 32.33 -5.72 1.22
CA ARG B 112 32.34 -6.22 -0.16
C ARG B 112 31.61 -5.36 -1.17
N SER B 113 30.92 -4.29 -0.77
CA SER B 113 30.13 -3.50 -1.71
C SER B 113 31.05 -2.68 -2.63
N ASP B 114 30.43 -2.08 -3.65
CA ASP B 114 31.15 -1.25 -4.63
C ASP B 114 31.94 -0.14 -3.94
N ARG B 115 33.07 0.23 -4.54
CA ARG B 115 33.93 1.25 -3.93
C ARG B 115 33.20 2.57 -3.71
N LYS B 116 32.26 2.93 -4.59
CA LYS B 116 31.50 4.15 -4.40
C LYS B 116 30.69 4.12 -3.11
N VAL B 117 30.15 2.94 -2.74
CA VAL B 117 29.41 2.83 -1.48
C VAL B 117 30.37 2.87 -0.28
N ARG B 118 31.43 2.05 -0.34
CA ARG B 118 32.32 1.90 0.81
C ARG B 118 33.02 3.22 1.15
N GLU B 119 33.38 4.02 0.15
CA GLU B 119 34.08 5.27 0.39
CA GLU B 119 34.08 5.29 0.38
C GLU B 119 33.17 6.36 0.96
N ARG B 120 31.85 6.13 0.94
CA ARG B 120 30.87 7.05 1.52
C ARG B 120 30.32 6.55 2.85
N LEU B 121 30.80 5.40 3.33
CA LEU B 121 30.21 4.69 4.46
C LEU B 121 31.09 4.83 5.69
N ASP B 122 30.47 5.17 6.83
CA ASP B 122 31.12 5.06 8.12
C ASP B 122 30.75 3.69 8.69
N PRO B 123 31.67 2.73 8.72
CA PRO B 123 31.29 1.38 9.17
C PRO B 123 30.95 1.28 10.66
N ASN B 124 31.14 2.34 11.44
CA ASN B 124 30.82 2.31 12.86
C ASN B 124 29.38 2.71 13.16
N ARG B 125 28.62 3.19 12.18
CA ARG B 125 27.31 3.78 12.44
C ARG B 125 26.24 3.08 11.60
N LEU B 126 25.71 1.97 12.13
CA LEU B 126 24.82 1.08 11.39
C LEU B 126 23.49 0.90 12.12
N ALA B 127 22.45 0.59 11.35
CA ALA B 127 21.11 0.45 11.92
C ALA B 127 20.30 -0.54 11.10
N VAL B 128 19.16 -0.96 11.66
CA VAL B 128 18.26 -1.92 11.03
C VAL B 128 16.84 -1.40 11.12
N MET B 129 16.03 -1.83 10.14
CA MET B 129 14.62 -1.49 10.01
C MET B 129 13.96 -2.65 9.28
N GLY B 130 12.67 -2.88 9.55
CA GLY B 130 11.99 -3.97 8.90
C GLY B 130 10.49 -4.00 9.12
N HIS B 131 9.77 -4.58 8.15
CA HIS B 131 8.32 -4.66 8.17
C HIS B 131 7.86 -6.05 8.56
N ALA B 132 6.91 -6.12 9.49
CA ALA B 132 6.20 -7.35 9.82
C ALA B 132 7.17 -8.38 10.40
N MET B 133 7.26 -9.59 9.83
CA MET B 133 8.30 -10.52 10.28
C MET B 133 9.69 -9.89 10.20
N GLY B 134 9.89 -9.00 9.21
CA GLY B 134 11.14 -8.26 9.14
C GLY B 134 11.31 -7.30 10.30
N GLY B 135 10.19 -6.84 10.88
CA GLY B 135 10.28 -6.04 12.10
C GLY B 135 10.67 -6.86 13.31
N GLY B 136 10.14 -8.08 13.41
CA GLY B 136 10.69 -9.03 14.35
C GLY B 136 12.17 -9.27 14.09
N GLY B 137 12.55 -9.31 12.81
CA GLY B 137 13.96 -9.42 12.45
C GLY B 137 14.80 -8.25 12.94
N SER B 138 14.23 -7.04 12.90
CA SER B 138 14.93 -5.86 13.42
C SER B 138 15.20 -6.01 14.92
N LEU B 139 14.19 -6.46 15.66
CA LEU B 139 14.36 -6.76 17.09
C LEU B 139 15.45 -7.80 17.30
N GLU B 140 15.40 -8.90 16.55
CA GLU B 140 16.38 -9.98 16.67
C GLU B 140 17.80 -9.49 16.41
N ALA B 141 17.97 -8.64 15.39
CA ALA B 141 19.30 -8.18 15.02
C ALA B 141 19.96 -7.37 16.14
N THR B 142 19.16 -6.58 16.88
CA THR B 142 19.76 -5.79 17.96
C THR B 142 20.18 -6.66 19.13
N VAL B 143 19.48 -7.77 19.39
CA VAL B 143 19.98 -8.72 20.38
C VAL B 143 21.24 -9.41 19.87
N MET B 144 21.28 -9.72 18.57
CA MET B 144 22.47 -10.36 17.98
C MET B 144 23.67 -9.42 17.91
N ARG B 145 23.44 -8.11 17.77
CA ARG B 145 24.53 -7.15 17.62
C ARG B 145 24.19 -5.86 18.37
N PRO B 146 24.49 -5.80 19.67
CA PRO B 146 24.10 -4.64 20.47
C PRO B 146 24.82 -3.34 20.09
N SER B 147 25.84 -3.39 19.24
CA SER B 147 26.57 -2.19 18.84
C SER B 147 25.86 -1.39 17.75
N LEU B 148 24.75 -1.92 17.21
CA LEU B 148 23.91 -1.17 16.28
C LEU B 148 23.47 0.14 16.92
N LYS B 149 23.29 1.17 16.07
CA LYS B 149 22.93 2.48 16.58
C LYS B 149 21.42 2.70 16.73
N ALA B 150 20.60 1.99 15.95
CA ALA B 150 19.16 2.24 15.97
C ALA B 150 18.43 1.06 15.33
N SER B 151 17.15 0.93 15.68
CA SER B 151 16.30 -0.15 15.21
C SER B 151 14.88 0.37 15.05
N ILE B 152 14.22 0.04 13.93
CA ILE B 152 12.86 0.53 13.67
C ILE B 152 11.97 -0.62 13.22
N PRO B 153 11.30 -1.32 14.14
CA PRO B 153 10.33 -2.36 13.75
C PRO B 153 9.01 -1.74 13.30
N LEU B 154 8.61 -2.03 12.06
CA LEU B 154 7.40 -1.48 11.46
C LEU B 154 6.31 -2.54 11.46
N THR B 155 5.16 -2.24 12.08
CA THR B 155 4.11 -3.22 12.39
C THR B 155 4.71 -4.60 12.61
N PRO B 156 5.54 -4.76 13.63
CA PRO B 156 6.35 -5.99 13.75
C PRO B 156 5.53 -7.20 14.18
N TRP B 157 5.98 -8.37 13.72
CA TRP B 157 5.40 -9.66 14.09
C TRP B 157 6.49 -10.54 14.70
N HIS B 158 6.22 -11.09 15.89
CA HIS B 158 7.14 -12.02 16.54
C HIS B 158 6.37 -12.78 17.62
N LEU B 159 6.68 -14.07 17.77
CA LEU B 159 5.99 -14.85 18.83
C LEU B 159 6.58 -14.58 20.22
N ASP B 160 7.85 -14.17 20.30
CA ASP B 160 8.47 -13.82 21.58
C ASP B 160 8.03 -12.41 21.95
N LYS B 161 7.45 -12.24 23.15
CA LYS B 161 6.81 -11.00 23.52
C LYS B 161 7.63 -10.11 24.45
N THR B 162 8.84 -10.54 24.85
CA THR B 162 9.65 -9.78 25.80
C THR B 162 11.03 -9.53 25.21
N TRP B 163 11.48 -8.29 25.31
CA TRP B 163 12.69 -7.83 24.66
C TRP B 163 13.50 -6.97 25.63
N GLY B 164 13.63 -7.43 26.87
CA GLY B 164 14.30 -6.68 27.92
C GLY B 164 15.82 -6.65 27.83
N GLN B 165 16.40 -7.37 26.87
CA GLN B 165 17.84 -7.35 26.67
C GLN B 165 18.30 -6.37 25.60
N VAL B 166 17.37 -5.77 24.85
CA VAL B 166 17.73 -4.83 23.80
C VAL B 166 18.41 -3.61 24.39
N GLN B 167 19.57 -3.27 23.82
CA GLN B 167 20.35 -2.10 24.23
C GLN B 167 20.38 -1.02 23.17
N VAL B 168 19.68 -1.21 22.06
CA VAL B 168 19.79 -0.36 20.88
C VAL B 168 18.53 0.49 20.81
N PRO B 169 18.63 1.82 20.67
CA PRO B 169 17.42 2.67 20.60
C PRO B 169 16.45 2.17 19.54
N THR B 170 15.20 1.96 19.96
CA THR B 170 14.21 1.24 19.18
C THR B 170 12.95 2.07 19.06
N PHE B 171 12.47 2.27 17.82
CA PHE B 171 11.28 3.04 17.49
C PHE B 171 10.29 2.09 16.83
N ILE B 172 9.21 1.75 17.53
CA ILE B 172 8.22 0.79 17.03
C ILE B 172 7.02 1.55 16.49
N ILE B 173 6.60 1.19 15.27
CA ILE B 173 5.47 1.81 14.61
C ILE B 173 4.35 0.77 14.49
N GLY B 174 3.20 1.07 15.11
CA GLY B 174 2.05 0.19 15.01
C GLY B 174 0.93 0.73 14.15
N ALA B 175 0.04 -0.15 13.70
CA ALA B 175 -1.13 0.23 12.91
C ALA B 175 -2.36 -0.14 13.72
N GLU B 176 -3.20 0.86 14.01
CA GLU B 176 -4.29 0.67 14.97
C GLU B 176 -5.17 -0.52 14.63
N LEU B 177 -5.52 -0.71 13.37
CA LEU B 177 -6.47 -1.77 13.00
C LEU B 177 -5.79 -2.99 12.40
N ASP B 178 -4.50 -3.19 12.68
CA ASP B 178 -3.76 -4.35 12.19
C ASP B 178 -4.40 -5.65 12.69
N THR B 179 -4.75 -6.55 11.77
CA THR B 179 -5.29 -7.86 12.16
C THR B 179 -4.27 -8.98 12.02
N ILE B 180 -3.15 -8.73 11.36
CA ILE B 180 -2.14 -9.75 11.15
C ILE B 180 -1.11 -9.74 12.28
N ALA B 181 -0.63 -8.56 12.67
CA ALA B 181 0.19 -8.38 13.88
C ALA B 181 -0.47 -7.30 14.74
N PRO B 182 -1.56 -7.66 15.44
CA PRO B 182 -2.31 -6.65 16.20
C PRO B 182 -1.43 -5.96 17.23
N VAL B 183 -1.60 -4.64 17.35
CA VAL B 183 -0.75 -3.88 18.25
C VAL B 183 -0.92 -4.35 19.69
N SER B 184 -2.09 -4.92 20.01
CA SER B 184 -2.34 -5.36 21.39
C SER B 184 -1.51 -6.59 21.76
N THR B 185 -1.11 -7.40 20.77
CA THR B 185 -0.39 -8.62 21.06
C THR B 185 1.02 -8.67 20.48
N HIS B 186 1.43 -7.67 19.68
CA HIS B 186 2.79 -7.60 19.15
C HIS B 186 3.43 -6.26 19.51
N ALA B 187 3.16 -5.22 18.72
CA ALA B 187 3.83 -3.93 18.87
C ALA B 187 3.86 -3.44 20.32
N LYS B 188 2.70 -3.38 20.97
CA LYS B 188 2.68 -2.78 22.31
C LYS B 188 3.42 -3.63 23.34
N PRO B 189 3.20 -4.95 23.44
CA PRO B 189 4.00 -5.70 24.42
C PRO B 189 5.50 -5.67 24.11
N PHE B 190 5.90 -5.67 22.82
CA PHE B 190 7.31 -5.47 22.50
C PHE B 190 7.81 -4.17 23.12
N TYR B 191 7.07 -3.08 22.89
CA TYR B 191 7.55 -1.77 23.31
C TYR B 191 7.68 -1.71 24.83
N GLU B 192 6.65 -2.16 25.54
CA GLU B 192 6.65 -2.09 26.99
C GLU B 192 7.68 -3.01 27.61
N SER B 193 8.10 -4.07 26.90
CA SER B 193 9.12 -4.97 27.44
C SER B 193 10.54 -4.46 27.23
N LEU B 194 10.75 -3.47 26.36
CA LEU B 194 12.07 -2.87 26.23
C LEU B 194 12.44 -2.18 27.54
N PRO B 195 13.73 -2.14 27.88
CA PRO B 195 14.15 -1.53 29.15
C PRO B 195 13.63 -0.11 29.32
N SER B 196 13.26 0.22 30.55
CA SER B 196 12.73 1.56 30.80
C SER B 196 13.81 2.63 30.62
N SER B 197 15.09 2.26 30.70
CA SER B 197 16.17 3.22 30.51
C SER B 197 16.62 3.30 29.05
N LEU B 198 16.07 2.48 28.17
CA LEU B 198 16.41 2.57 26.75
C LEU B 198 15.75 3.80 26.14
N PRO B 199 16.47 4.57 25.31
CA PRO B 199 15.79 5.54 24.43
C PRO B 199 14.87 4.79 23.49
N LYS B 200 13.56 4.97 23.62
CA LYS B 200 12.61 4.22 22.81
C LYS B 200 11.36 5.05 22.56
N ALA B 201 10.55 4.60 21.61
CA ALA B 201 9.27 5.24 21.30
C ALA B 201 8.34 4.27 20.60
N TYR B 202 7.05 4.49 20.79
CA TYR B 202 5.98 3.77 20.13
C TYR B 202 5.03 4.77 19.48
N MET B 203 4.74 4.58 18.18
CA MET B 203 3.83 5.45 17.43
C MET B 203 2.75 4.61 16.77
N GLU B 204 1.49 4.87 17.09
CA GLU B 204 0.38 4.10 16.56
C GLU B 204 -0.36 4.97 15.54
N LEU B 205 -0.49 4.45 14.33
CA LEU B 205 -1.16 5.18 13.24
C LEU B 205 -2.67 4.93 13.25
N CYS B 206 -3.45 6.01 13.31
CA CYS B 206 -4.92 5.92 13.33
C CYS B 206 -5.46 5.17 12.11
N GLY B 207 -6.39 4.24 12.35
CA GLY B 207 -7.16 3.58 11.29
C GLY B 207 -6.37 2.73 10.30
N ALA B 208 -5.11 2.47 10.61
CA ALA B 208 -4.20 1.87 9.62
C ALA B 208 -4.17 0.34 9.74
N THR B 209 -3.79 -0.30 8.64
CA THR B 209 -3.72 -1.75 8.53
C THR B 209 -2.26 -2.23 8.52
N HIS B 210 -2.11 -3.55 8.44
CA HIS B 210 -0.79 -4.18 8.45
C HIS B 210 0.08 -3.73 7.27
N PHE B 211 -0.53 -3.32 6.15
CA PHE B 211 0.24 -3.00 4.96
C PHE B 211 0.46 -1.51 4.76
N ALA B 212 0.05 -0.68 5.70
CA ALA B 212 0.38 0.74 5.65
C ALA B 212 1.87 1.01 5.41
N PRO B 213 2.81 0.27 6.01
CA PRO B 213 4.23 0.63 5.80
C PRO B 213 4.71 0.42 4.37
N ASN B 214 3.92 -0.22 3.51
CA ASN B 214 4.33 -0.56 2.15
C ASN B 214 3.93 0.49 1.11
N ILE B 215 3.27 1.57 1.49
CA ILE B 215 3.03 2.67 0.56
C ILE B 215 3.58 3.95 1.16
N PRO B 216 3.95 4.94 0.35
CA PRO B 216 4.47 6.20 0.89
C PRO B 216 3.55 6.78 1.95
N ASN B 217 4.15 7.12 3.09
CA ASN B 217 3.44 7.59 4.27
C ASN B 217 4.34 8.62 4.94
N THR B 218 3.93 9.89 4.89
CA THR B 218 4.77 10.97 5.39
C THR B 218 4.92 10.92 6.92
N THR B 219 3.90 10.44 7.63
CA THR B 219 4.04 10.29 9.07
C THR B 219 5.14 9.29 9.41
N ILE B 220 5.18 8.14 8.71
CA ILE B 220 6.26 7.18 8.92
C ILE B 220 7.59 7.80 8.51
N ALA B 221 7.67 8.40 7.32
CA ALA B 221 8.94 8.89 6.81
C ALA B 221 9.56 9.95 7.73
N LYS B 222 8.74 10.88 8.23
CA LYS B 222 9.34 12.00 8.96
C LYS B 222 9.94 11.57 10.29
N TYR B 223 9.33 10.59 10.96
CA TYR B 223 9.87 10.15 12.24
C TYR B 223 10.89 9.03 12.09
N VAL B 224 10.84 8.27 10.99
CA VAL B 224 11.94 7.37 10.65
C VAL B 224 13.22 8.18 10.42
N ILE B 225 13.11 9.27 9.65
CA ILE B 225 14.26 10.12 9.39
C ILE B 225 14.77 10.76 10.69
N SER B 226 13.84 11.26 11.52
CA SER B 226 14.26 11.89 12.77
C SER B 226 14.94 10.88 13.70
N TRP B 227 14.43 9.65 13.73
CA TRP B 227 15.01 8.64 14.61
C TRP B 227 16.42 8.26 14.15
N LEU B 228 16.62 8.08 12.85
CA LEU B 228 17.95 7.73 12.36
C LEU B 228 18.93 8.90 12.57
N LYS B 229 18.48 10.14 12.33
CA LYS B 229 19.35 11.29 12.55
C LYS B 229 19.80 11.34 14.00
N ARG B 230 18.87 11.20 14.94
CA ARG B 230 19.19 11.36 16.35
C ARG B 230 20.16 10.29 16.84
N PHE B 231 20.01 9.05 16.36
CA PHE B 231 20.81 7.97 16.92
C PHE B 231 21.88 7.43 15.99
N VAL B 232 21.67 7.42 14.68
CA VAL B 232 22.78 7.05 13.79
C VAL B 232 23.82 8.17 13.73
N ASP B 233 23.37 9.42 13.62
CA ASP B 233 24.22 10.61 13.51
C ASP B 233 24.43 11.32 14.85
N GLU B 234 23.83 10.84 15.94
CA GLU B 234 23.88 11.53 17.22
C GLU B 234 23.39 12.97 17.11
N ASP B 235 22.50 13.22 16.16
CA ASP B 235 22.17 14.60 15.75
C ASP B 235 21.02 15.11 16.61
N THR B 236 21.37 15.84 17.68
CA THR B 236 20.34 16.37 18.56
C THR B 236 19.54 17.52 17.95
N ARG B 237 19.87 17.96 16.74
CA ARG B 237 18.98 18.92 16.06
C ARG B 237 17.62 18.31 15.77
N TYR B 238 17.51 16.98 15.79
CA TYR B 238 16.25 16.29 15.51
C TYR B 238 15.48 15.89 16.77
N SER B 239 16.07 16.09 17.96
CA SER B 239 15.33 15.88 19.21
C SER B 239 14.05 16.70 19.29
N GLN B 240 14.02 17.88 18.67
CA GLN B 240 12.84 18.74 18.76
C GLN B 240 11.61 18.07 18.16
N PHE B 241 11.80 17.13 17.22
CA PHE B 241 10.70 16.45 16.57
C PHE B 241 10.23 15.22 17.32
N LEU B 242 11.07 14.64 18.18
CA LEU B 242 10.75 13.43 18.93
C LEU B 242 10.28 13.69 20.34
N CYS B 243 10.76 14.76 20.97
CA CYS B 243 10.46 15.09 22.36
C CYS B 243 10.11 16.57 22.44
N PRO B 244 8.94 16.95 22.98
CA PRO B 244 7.88 16.04 23.46
C PRO B 244 7.22 15.22 22.34
N ASN B 245 6.39 14.25 22.72
CA ASN B 245 5.79 13.32 21.78
C ASN B 245 5.12 14.05 20.61
N PRO B 246 5.35 13.61 19.37
CA PRO B 246 4.60 14.15 18.23
C PRO B 246 3.09 14.04 18.44
N THR B 247 2.35 15.00 17.85
CA THR B 247 0.89 15.03 17.96
C THR B 247 0.21 15.12 16.60
N ASP B 248 0.87 14.63 15.54
CA ASP B 248 0.33 14.62 14.20
C ASP B 248 -1.09 14.06 14.17
N ARG B 249 -1.90 14.60 13.26
CA ARG B 249 -3.26 14.10 13.03
C ARG B 249 -3.30 12.59 12.85
N ALA B 250 -2.35 12.04 12.09
CA ALA B 250 -2.40 10.62 11.77
C ALA B 250 -2.02 9.70 12.94
N ILE B 251 -1.67 10.25 14.09
CA ILE B 251 -1.13 9.47 15.21
C ILE B 251 -2.24 9.33 16.26
N CYS B 252 -2.58 8.08 16.62
CA CYS B 252 -3.60 7.85 17.64
C CYS B 252 -3.04 7.54 19.02
N GLU B 253 -1.78 7.14 19.12
CA GLU B 253 -1.12 6.97 20.41
C GLU B 253 0.38 7.11 20.20
N TYR B 254 1.06 7.72 21.17
CA TYR B 254 2.51 7.82 21.14
C TYR B 254 3.04 7.66 22.56
N ARG B 255 4.07 6.83 22.73
CA ARG B 255 4.71 6.61 24.00
C ARG B 255 6.21 6.76 23.79
N SER B 256 6.91 7.19 24.83
CA SER B 256 8.36 7.41 24.69
C SER B 256 9.00 7.46 26.06
N THR B 257 10.33 7.34 26.07
CA THR B 257 11.13 7.61 27.26
C THR B 257 11.85 8.95 27.16
N CYS B 258 11.28 9.91 26.40
CA CYS B 258 11.74 11.29 26.37
C CYS B 258 11.93 11.82 27.78
N PRO B 259 12.82 12.80 27.98
CA PRO B 259 13.63 13.45 26.93
C PRO B 259 14.88 12.68 26.50
N TYR B 260 15.22 12.80 25.22
CA TYR B 260 16.53 12.43 24.71
C TYR B 260 16.78 13.26 23.44
#